data_6J2D
#
_entry.id   6J2D
#
_cell.length_a   72.458
_cell.length_b   86.272
_cell.length_c   134.728
_cell.angle_alpha   90.00
_cell.angle_beta   90.00
_cell.angle_gamma   90.00
#
_symmetry.space_group_name_H-M   'C 2 2 21'
#
loop_
_entity.id
_entity.type
_entity.pdbx_description
1 polymer Ptal-N*01:01
2 polymer 'beta-2 microglobulin'
3 polymer HeV1
4 water water
#
loop_
_entity_poly.entity_id
_entity_poly.type
_entity_poly.pdbx_seq_one_letter_code
_entity_poly.pdbx_strand_id
1 'polypeptide(L)'
;GFHSLRYFYTAWSRPGSGEPRFVAVGYVDDTQFVRFDSDNASPRAEPRAPWMDLVEQQDPQYWDRNTRNARDAAQTYRVG
LDNVRGYYNQSEAGSHTIQRMYGCDVGPHGRLLRGYDQLAYDGADYIALNEDLRSWTAADLAAQNTRRKWEEAGYAERDR
AYLEGECVEWLLKHLENGRETLLRADPPKTHITHHPISDREVTLRCWALGFYPEEITLTWQHDGEDQTQEMELVETRPDG
NGAFQKWAALVVPSGEEQRYTCHVQHEGLPQPLTLRW
;
A
2 'polypeptide(L)'
;EPRTPKIQVYSRHPAENGKPNYLNCYVYGFHPPQIEIDLLKNGQKMKTEQSDLSFSKDWSFYLLVHTDFTPSTVDEYSCR
VNHSSLAAPHMVKWDRNN
;
B
3 'polypeptide(L)' DFANTFLP C
#
# COMPACT_ATOMS: atom_id res chain seq x y z
N PHE A 2 9.28 -11.28 -12.53
CA PHE A 2 8.75 -10.22 -13.38
C PHE A 2 8.64 -8.86 -12.67
N HIS A 3 8.26 -7.81 -13.40
CA HIS A 3 8.11 -6.48 -12.83
C HIS A 3 6.77 -5.88 -13.24
N SER A 4 6.29 -4.93 -12.44
CA SER A 4 4.95 -4.38 -12.65
C SER A 4 4.90 -2.87 -12.44
N LEU A 5 4.17 -2.19 -13.31
CA LEU A 5 3.81 -0.78 -13.14
C LEU A 5 2.33 -0.67 -12.82
N ARG A 6 2.01 -0.11 -11.67
CA ARG A 6 0.62 -0.07 -11.23
C ARG A 6 0.27 1.33 -10.75
N TYR A 7 -0.93 1.77 -11.07
CA TYR A 7 -1.43 3.04 -10.59
C TYR A 7 -2.67 2.82 -9.76
N PHE A 8 -2.83 3.64 -8.72
CA PHE A 8 -3.96 3.51 -7.79
C PHE A 8 -4.64 4.89 -7.68
N TYR A 9 -5.88 4.98 -8.15
CA TYR A 9 -6.71 6.17 -8.04
C TYR A 9 -7.77 5.98 -6.96
N THR A 10 -7.95 7.00 -6.14
CA THR A 10 -9.09 7.09 -5.22
C THR A 10 -9.75 8.45 -5.39
N ALA A 11 -11.08 8.45 -5.49
CA ALA A 11 -11.88 9.68 -5.54
C ALA A 11 -13.06 9.53 -4.61
N TRP A 12 -13.40 10.59 -3.88
CA TRP A 12 -14.58 10.49 -3.02
C TRP A 12 -15.26 11.84 -2.86
N SER A 13 -16.58 11.78 -2.76
CA SER A 13 -17.41 12.94 -2.50
C SER A 13 -17.31 13.36 -1.05
N ARG A 14 -17.46 14.66 -0.83
CA ARG A 14 -17.39 15.26 0.50
C ARG A 14 -18.57 16.20 0.64
N PRO A 15 -19.78 15.68 0.83
CA PRO A 15 -20.93 16.57 0.97
C PRO A 15 -20.72 17.50 2.15
N GLY A 16 -21.11 18.76 1.98
CA GLY A 16 -21.01 19.73 3.05
C GLY A 16 -19.63 20.30 3.25
N SER A 17 -18.59 19.64 2.77
CA SER A 17 -17.25 20.21 2.72
C SER A 17 -16.76 20.12 1.27
N GLY A 18 -16.84 21.23 0.56
CA GLY A 18 -16.16 21.36 -0.71
C GLY A 18 -16.42 20.30 -1.78
N GLU A 19 -15.52 20.27 -2.74
CA GLU A 19 -15.61 19.40 -3.91
C GLU A 19 -15.12 17.99 -3.57
N PRO A 20 -15.33 17.03 -4.48
CA PRO A 20 -14.69 15.71 -4.29
C PRO A 20 -13.17 15.81 -4.33
N ARG A 21 -12.53 14.83 -3.72
CA ARG A 21 -11.08 14.71 -3.64
C ARG A 21 -10.61 13.60 -4.54
N PHE A 22 -9.47 13.81 -5.21
CA PHE A 22 -8.89 12.82 -6.12
C PHE A 22 -7.41 12.66 -5.82
N VAL A 23 -6.99 11.44 -5.52
CA VAL A 23 -5.60 11.11 -5.20
C VAL A 23 -5.12 9.98 -6.11
N ALA A 24 -3.97 10.19 -6.77
CA ALA A 24 -3.36 9.17 -7.62
C ALA A 24 -1.96 8.87 -7.13
N VAL A 25 -1.58 7.59 -7.09
CA VAL A 25 -0.22 7.18 -6.78
C VAL A 25 0.21 6.10 -7.76
N GLY A 26 1.42 6.23 -8.30
CA GLY A 26 2.00 5.16 -9.08
C GLY A 26 3.06 4.40 -8.34
N TYR A 27 3.25 3.14 -8.74
CA TYR A 27 4.21 2.22 -8.16
C TYR A 27 4.85 1.38 -9.25
N VAL A 28 6.18 1.25 -9.22
CA VAL A 28 6.88 0.15 -9.88
C VAL A 28 7.19 -0.89 -8.82
N ASP A 29 6.69 -2.12 -9.00
CA ASP A 29 6.78 -3.13 -7.95
C ASP A 29 6.32 -2.54 -6.60
N ASP A 30 7.16 -2.59 -5.57
CA ASP A 30 6.79 -2.09 -4.26
C ASP A 30 7.28 -0.67 -3.97
N THR A 31 7.80 0.05 -4.95
CA THR A 31 8.33 1.41 -4.78
C THR A 31 7.39 2.45 -5.40
N GLN A 32 6.90 3.39 -4.59
CA GLN A 32 6.06 4.47 -5.13
C GLN A 32 6.96 5.50 -5.82
N PHE A 33 6.63 5.86 -7.07
CA PHE A 33 7.34 6.91 -7.77
C PHE A 33 6.55 8.19 -8.08
N VAL A 34 5.23 8.25 -7.84
CA VAL A 34 4.43 9.37 -8.32
C VAL A 34 3.26 9.62 -7.37
N ARG A 35 2.85 10.89 -7.25
CA ARG A 35 1.59 11.24 -6.60
C ARG A 35 0.88 12.37 -7.35
N PHE A 36 -0.43 12.47 -7.11
CA PHE A 36 -1.25 13.63 -7.46
C PHE A 36 -2.34 13.77 -6.42
N ASP A 37 -2.49 14.96 -5.84
CA ASP A 37 -3.56 15.23 -4.89
C ASP A 37 -4.29 16.46 -5.39
N SER A 38 -5.60 16.33 -5.60
CA SER A 38 -6.39 17.42 -6.17
C SER A 38 -6.69 18.52 -5.17
N ASP A 39 -6.32 18.35 -3.90
CA ASP A 39 -6.57 19.36 -2.88
C ASP A 39 -5.49 20.43 -2.79
N ASN A 40 -4.42 20.35 -3.57
CA ASN A 40 -3.43 21.41 -3.60
C ASN A 40 -3.89 22.50 -4.55
N ALA A 41 -3.52 23.75 -4.27
CA ALA A 41 -3.75 24.81 -5.24
C ALA A 41 -2.90 24.53 -6.47
N SER A 42 -3.55 24.52 -7.65
CA SER A 42 -2.90 24.09 -8.87
C SER A 42 -2.19 22.77 -8.63
N PRO A 43 -2.94 21.67 -8.49
CA PRO A 43 -2.28 20.38 -8.20
C PRO A 43 -1.43 19.91 -9.36
N ARG A 44 -0.21 19.47 -9.02
CA ARG A 44 0.75 18.96 -9.98
C ARG A 44 1.04 17.49 -9.68
N ALA A 45 1.29 16.70 -10.73
CA ALA A 45 1.97 15.44 -10.52
C ALA A 45 3.35 15.69 -9.93
N GLU A 46 3.76 14.82 -8.99
CA GLU A 46 5.00 15.07 -8.26
C GLU A 46 5.87 13.83 -8.06
N PRO A 47 7.19 13.96 -8.14
CA PRO A 47 8.09 12.82 -7.94
C PRO A 47 8.09 12.35 -6.49
N ARG A 48 7.91 11.04 -6.30
CA ARG A 48 8.07 10.41 -5.00
C ARG A 48 9.27 9.47 -4.90
N ALA A 49 10.07 9.30 -5.94
CA ALA A 49 11.26 8.47 -5.87
C ALA A 49 12.42 9.18 -6.56
N PRO A 50 13.67 8.85 -6.20
CA PRO A 50 14.81 9.68 -6.67
C PRO A 50 14.95 9.75 -8.17
N TRP A 51 14.91 8.61 -8.87
CA TRP A 51 15.16 8.64 -10.30
C TRP A 51 14.14 9.51 -11.03
N MET A 52 12.98 9.76 -10.42
CA MET A 52 11.99 10.66 -11.00
C MET A 52 12.39 12.12 -10.91
N ASP A 53 13.46 12.46 -10.21
CA ASP A 53 13.85 13.86 -10.31
C ASP A 53 14.68 14.15 -11.55
N LEU A 54 15.01 13.11 -12.32
CA LEU A 54 15.67 13.26 -13.60
C LEU A 54 14.75 13.19 -14.81
N VAL A 55 13.46 12.89 -14.63
CA VAL A 55 12.65 12.70 -15.84
C VAL A 55 12.44 14.04 -16.55
N GLU A 56 12.63 15.15 -15.85
CA GLU A 56 12.45 16.46 -16.46
C GLU A 56 13.44 16.67 -17.59
N GLN A 57 14.71 16.25 -17.40
CA GLN A 57 15.60 16.39 -18.55
C GLN A 57 15.47 15.23 -19.54
N GLN A 58 15.06 14.04 -19.09
CA GLN A 58 14.92 12.90 -19.99
C GLN A 58 13.65 12.98 -20.84
N ASP A 59 12.55 13.47 -20.28
CA ASP A 59 11.32 13.72 -21.03
C ASP A 59 10.76 15.08 -20.64
N PRO A 60 11.16 16.13 -21.35
CA PRO A 60 10.77 17.49 -20.95
C PRO A 60 9.27 17.73 -20.83
N GLN A 61 8.42 16.93 -21.48
CA GLN A 61 6.98 17.11 -21.39
C GLN A 61 6.31 16.20 -20.35
N TYR A 62 7.10 15.42 -19.60
CA TYR A 62 6.49 14.37 -18.77
C TYR A 62 5.57 14.95 -17.71
N TRP A 63 6.02 15.99 -17.01
CA TRP A 63 5.23 16.48 -15.88
C TRP A 63 4.00 17.22 -16.37
N ASP A 64 4.15 17.99 -17.44
CA ASP A 64 3.00 18.75 -17.92
C ASP A 64 1.91 17.83 -18.45
N ARG A 65 2.27 16.80 -19.24
CA ARG A 65 1.18 16.02 -19.81
C ARG A 65 0.54 15.09 -18.77
N ASN A 66 1.30 14.65 -17.75
CA ASN A 66 0.71 13.80 -16.71
C ASN A 66 -0.08 14.61 -15.69
N THR A 67 0.42 15.79 -15.33
CA THR A 67 -0.40 16.73 -14.59
C THR A 67 -1.73 16.96 -15.30
N ARG A 68 -1.65 17.36 -16.56
CA ARG A 68 -2.86 17.57 -17.37
C ARG A 68 -3.75 16.34 -17.31
N ASN A 69 -3.17 15.15 -17.46
CA ASN A 69 -3.95 13.94 -17.49
C ASN A 69 -4.64 13.70 -16.15
N ALA A 70 -3.92 13.86 -15.05
CA ALA A 70 -4.50 13.66 -13.73
C ALA A 70 -5.61 14.66 -13.45
N ARG A 71 -5.39 15.93 -13.83
CA ARG A 71 -6.40 16.97 -13.61
C ARG A 71 -7.67 16.64 -14.36
N ASP A 72 -7.55 16.14 -15.59
CA ASP A 72 -8.77 15.74 -16.30
C ASP A 72 -9.39 14.54 -15.63
N ALA A 73 -8.55 13.64 -15.12
CA ALA A 73 -9.04 12.46 -14.43
C ALA A 73 -9.86 12.86 -13.20
N ALA A 74 -9.37 13.85 -12.44
CA ALA A 74 -10.07 14.32 -11.25
C ALA A 74 -11.40 14.96 -11.61
N GLN A 75 -11.44 15.63 -12.76
CA GLN A 75 -12.70 16.20 -13.23
C GLN A 75 -13.64 15.11 -13.70
N THR A 76 -13.12 14.13 -14.44
CA THR A 76 -13.97 13.05 -14.92
C THR A 76 -14.62 12.30 -13.77
N TYR A 77 -13.85 12.02 -12.70
CA TYR A 77 -14.39 11.23 -11.61
C TYR A 77 -15.33 12.03 -10.70
N ARG A 78 -15.17 13.35 -10.60
CA ARG A 78 -16.14 14.10 -9.82
C ARG A 78 -17.53 13.95 -10.43
N VAL A 79 -17.58 13.83 -11.76
CA VAL A 79 -18.84 13.58 -12.44
C VAL A 79 -19.20 12.11 -12.34
N GLY A 80 -18.21 11.22 -12.51
CA GLY A 80 -18.44 9.80 -12.31
C GLY A 80 -19.05 9.47 -10.97
N LEU A 81 -18.71 10.23 -9.92
CA LEU A 81 -19.31 9.99 -8.60
C LEU A 81 -20.80 10.29 -8.60
N ASP A 82 -21.22 11.32 -9.32
CA ASP A 82 -22.66 11.61 -9.40
C ASP A 82 -23.38 10.67 -10.36
N ASN A 83 -22.72 10.25 -11.44
CA ASN A 83 -23.32 9.26 -12.35
C ASN A 83 -23.59 7.95 -11.62
N VAL A 84 -22.56 7.41 -10.95
CA VAL A 84 -22.68 6.11 -10.30
C VAL A 84 -23.67 6.18 -9.14
N ARG A 85 -23.65 7.29 -8.41
CA ARG A 85 -24.61 7.47 -7.32
C ARG A 85 -26.04 7.39 -7.81
N GLY A 86 -26.32 8.01 -8.98
CA GLY A 86 -27.62 7.88 -9.60
C GLY A 86 -27.95 6.46 -10.04
N TYR A 87 -26.95 5.74 -10.54
CA TYR A 87 -27.19 4.33 -10.90
C TYR A 87 -27.76 3.55 -9.72
N TYR A 88 -27.31 3.85 -8.51
CA TYR A 88 -27.72 3.18 -7.29
C TYR A 88 -28.86 3.89 -6.57
N ASN A 89 -29.34 5.01 -7.13
CA ASN A 89 -30.47 5.78 -6.58
C ASN A 89 -30.19 6.24 -5.15
N GLN A 90 -28.97 6.75 -4.94
CA GLN A 90 -28.50 7.22 -3.65
C GLN A 90 -28.61 8.75 -3.60
N SER A 91 -28.88 9.28 -2.42
CA SER A 91 -28.99 10.72 -2.25
C SER A 91 -27.61 11.37 -2.23
N GLU A 92 -27.60 12.70 -2.18
CA GLU A 92 -26.38 13.48 -2.09
C GLU A 92 -25.86 13.62 -0.68
N ALA A 93 -26.52 13.00 0.30
CA ALA A 93 -26.15 13.24 1.70
C ALA A 93 -24.86 12.54 2.08
N GLY A 94 -24.62 11.33 1.57
CA GLY A 94 -23.47 10.55 1.99
C GLY A 94 -22.28 10.64 1.06
N SER A 95 -21.12 10.35 1.63
CA SER A 95 -19.87 10.25 0.89
C SER A 95 -19.75 8.87 0.26
N HIS A 96 -19.20 8.81 -0.95
CA HIS A 96 -19.01 7.56 -1.68
C HIS A 96 -17.67 7.61 -2.40
N THR A 97 -17.12 6.43 -2.70
CA THR A 97 -15.73 6.29 -3.11
C THR A 97 -15.63 5.49 -4.40
N ILE A 98 -14.92 6.05 -5.38
CA ILE A 98 -14.52 5.35 -6.60
C ILE A 98 -13.02 5.09 -6.51
N GLN A 99 -12.62 3.84 -6.79
CA GLN A 99 -11.21 3.47 -6.88
C GLN A 99 -10.92 2.82 -8.23
N ARG A 100 -9.73 3.09 -8.75
CA ARG A 100 -9.28 2.45 -9.98
C ARG A 100 -7.89 1.88 -9.76
N MET A 101 -7.68 0.66 -10.26
CA MET A 101 -6.36 0.02 -10.28
C MET A 101 -6.09 -0.46 -11.70
N TYR A 102 -4.99 0.01 -12.28
CA TYR A 102 -4.64 -0.40 -13.63
C TYR A 102 -3.12 -0.47 -13.76
N GLY A 103 -2.64 -1.16 -14.79
CA GLY A 103 -1.21 -1.32 -14.99
C GLY A 103 -0.89 -2.62 -15.70
N CYS A 104 0.41 -2.96 -15.73
CA CYS A 104 0.92 -4.08 -16.52
C CYS A 104 1.96 -4.90 -15.77
N ASP A 105 1.95 -6.21 -16.01
CA ASP A 105 2.98 -7.12 -15.53
C ASP A 105 3.85 -7.56 -16.70
N VAL A 106 5.16 -7.36 -16.57
CA VAL A 106 6.11 -7.56 -17.64
C VAL A 106 7.18 -8.54 -17.18
N GLY A 107 7.50 -9.54 -18.01
CA GLY A 107 8.56 -10.48 -17.73
C GLY A 107 9.83 -10.11 -18.45
N PRO A 108 10.83 -10.99 -18.47
CA PRO A 108 12.08 -10.67 -19.17
C PRO A 108 11.85 -10.36 -20.64
N HIS A 109 12.74 -9.53 -21.20
CA HIS A 109 12.65 -9.00 -22.56
C HIS A 109 11.51 -8.00 -22.75
N GLY A 110 11.07 -7.34 -21.70
CA GLY A 110 10.01 -6.34 -21.85
C GLY A 110 8.78 -6.83 -22.60
N ARG A 111 8.27 -7.99 -22.24
CA ARG A 111 7.07 -8.56 -22.83
C ARG A 111 5.93 -8.55 -21.82
N LEU A 112 4.73 -8.22 -22.30
CA LEU A 112 3.57 -8.07 -21.43
C LEU A 112 3.06 -9.44 -21.02
N LEU A 113 2.74 -9.58 -19.73
CA LEU A 113 2.14 -10.80 -19.19
C LEU A 113 0.64 -10.63 -18.98
N ARG A 114 0.24 -9.69 -18.13
CA ARG A 114 -1.16 -9.32 -17.92
C ARG A 114 -1.27 -7.80 -17.97
N GLY A 115 -2.31 -7.29 -18.62
CA GLY A 115 -2.77 -5.94 -18.35
C GLY A 115 -4.03 -6.00 -17.50
N TYR A 116 -4.33 -4.91 -16.82
CA TYR A 116 -5.54 -4.87 -16.03
C TYR A 116 -5.99 -3.42 -15.86
N ASP A 117 -7.29 -3.23 -15.78
CA ASP A 117 -7.93 -1.98 -15.39
C ASP A 117 -9.17 -2.33 -14.59
N GLN A 118 -9.25 -1.91 -13.32
CA GLN A 118 -10.36 -2.34 -12.46
C GLN A 118 -10.88 -1.17 -11.67
N LEU A 119 -12.18 -1.17 -11.41
CA LEU A 119 -12.81 -0.08 -10.67
C LEU A 119 -13.62 -0.65 -9.53
N ALA A 120 -13.66 0.07 -8.42
CA ALA A 120 -14.48 -0.28 -7.28
C ALA A 120 -15.35 0.90 -6.89
N TYR A 121 -16.54 0.60 -6.38
CA TYR A 121 -17.43 1.63 -5.84
C TYR A 121 -17.74 1.28 -4.39
N ASP A 122 -17.48 2.21 -3.47
CA ASP A 122 -17.61 1.97 -2.03
C ASP A 122 -16.95 0.65 -1.62
N GLY A 123 -15.78 0.36 -2.23
CA GLY A 123 -14.96 -0.76 -1.81
C GLY A 123 -15.29 -2.10 -2.41
N ALA A 124 -16.30 -2.19 -3.27
CA ALA A 124 -16.72 -3.43 -3.88
C ALA A 124 -16.44 -3.38 -5.37
N ASP A 125 -16.16 -4.54 -5.95
CA ASP A 125 -15.95 -4.61 -7.39
C ASP A 125 -17.08 -3.91 -8.11
N TYR A 126 -16.73 -3.09 -9.10
CA TYR A 126 -17.71 -2.39 -9.91
C TYR A 126 -17.58 -2.84 -11.37
N ILE A 127 -16.46 -2.56 -12.03
CA ILE A 127 -16.28 -2.98 -13.42
C ILE A 127 -14.81 -3.24 -13.64
N ALA A 128 -14.51 -4.23 -14.47
CA ALA A 128 -13.14 -4.64 -14.69
C ALA A 128 -12.93 -5.01 -16.14
N LEU A 129 -11.78 -4.61 -16.68
CA LEU A 129 -11.35 -5.05 -17.99
C LEU A 129 -10.95 -6.53 -17.91
N ASN A 130 -11.39 -7.32 -18.88
CA ASN A 130 -11.09 -8.75 -18.88
C ASN A 130 -9.65 -8.99 -19.32
N GLU A 131 -9.13 -10.17 -18.98
CA GLU A 131 -7.75 -10.51 -19.30
C GLU A 131 -7.43 -10.34 -20.78
N ASP A 132 -8.41 -10.59 -21.65
CA ASP A 132 -8.12 -10.42 -23.08
C ASP A 132 -8.09 -8.95 -23.48
N LEU A 133 -8.46 -8.04 -22.58
CA LEU A 133 -8.43 -6.61 -22.85
C LEU A 133 -9.28 -6.25 -24.07
N ARG A 134 -10.21 -7.13 -24.46
CA ARG A 134 -11.23 -6.80 -25.45
C ARG A 134 -12.61 -6.56 -24.86
N SER A 135 -12.79 -6.70 -23.55
CA SER A 135 -14.13 -6.83 -22.98
C SER A 135 -14.14 -6.45 -21.51
N TRP A 136 -15.33 -6.17 -20.98
CA TRP A 136 -15.52 -5.76 -19.60
C TRP A 136 -16.43 -6.73 -18.86
N THR A 137 -16.15 -6.93 -17.58
CA THR A 137 -17.05 -7.61 -16.64
C THR A 137 -17.64 -6.59 -15.67
N ALA A 138 -18.96 -6.47 -15.66
CA ALA A 138 -19.64 -5.61 -14.69
C ALA A 138 -20.14 -6.46 -13.53
N ALA A 139 -19.89 -5.98 -12.31
CA ALA A 139 -20.14 -6.76 -11.10
C ALA A 139 -21.62 -6.84 -10.73
N ASP A 140 -22.44 -5.85 -11.14
CA ASP A 140 -23.86 -5.82 -10.81
C ASP A 140 -24.62 -5.02 -11.86
N LEU A 141 -25.93 -4.87 -11.64
CA LEU A 141 -26.78 -4.25 -12.66
C LEU A 141 -26.42 -2.78 -12.87
N ALA A 142 -26.18 -2.03 -11.78
CA ALA A 142 -25.80 -0.63 -11.91
C ALA A 142 -24.55 -0.47 -12.79
N ALA A 143 -23.57 -1.35 -12.61
CA ALA A 143 -22.34 -1.26 -13.40
C ALA A 143 -22.56 -1.57 -14.87
N GLN A 144 -23.69 -2.18 -15.23
CA GLN A 144 -23.95 -2.41 -16.66
C GLN A 144 -24.23 -1.11 -17.39
N ASN A 145 -24.68 -0.08 -16.70
CA ASN A 145 -24.71 1.24 -17.32
C ASN A 145 -23.34 1.60 -17.85
N THR A 146 -22.30 1.44 -17.03
CA THR A 146 -20.95 1.77 -17.47
C THR A 146 -20.50 0.87 -18.61
N ARG A 147 -20.76 -0.45 -18.50
CA ARG A 147 -20.38 -1.46 -19.52
C ARG A 147 -20.84 -1.10 -20.89
N ARG A 148 -22.14 -0.82 -21.03
CA ARG A 148 -22.66 -0.45 -22.35
C ARG A 148 -22.02 0.82 -22.87
N LYS A 149 -21.85 1.85 -22.02
CA LYS A 149 -21.17 3.07 -22.47
C LYS A 149 -19.78 2.74 -22.96
N TRP A 150 -19.03 1.97 -22.17
CA TRP A 150 -17.65 1.72 -22.53
C TRP A 150 -17.56 0.84 -23.75
N GLU A 151 -18.46 -0.11 -23.91
CA GLU A 151 -18.39 -0.96 -25.09
C GLU A 151 -18.73 -0.16 -26.34
N GLU A 152 -19.83 0.60 -26.30
CA GLU A 152 -20.22 1.38 -27.47
C GLU A 152 -19.13 2.33 -27.89
N ALA A 153 -18.51 3.01 -26.91
CA ALA A 153 -17.45 3.99 -27.12
C ALA A 153 -16.11 3.36 -27.48
N GLY A 154 -16.01 2.02 -27.45
CA GLY A 154 -14.76 1.36 -27.79
C GLY A 154 -13.59 1.67 -26.87
N TYR A 155 -13.84 1.75 -25.56
CA TYR A 155 -12.79 2.10 -24.63
C TYR A 155 -11.80 0.95 -24.34
N ALA A 156 -12.20 -0.31 -24.53
CA ALA A 156 -11.28 -1.39 -24.22
C ALA A 156 -10.08 -1.36 -25.16
N GLU A 157 -10.28 -0.86 -26.37
CA GLU A 157 -9.20 -0.83 -27.34
C GLU A 157 -8.18 0.22 -26.98
N ARG A 158 -8.63 1.40 -26.52
CA ARG A 158 -7.72 2.43 -25.98
C ARG A 158 -6.98 1.95 -24.74
N ASP A 159 -7.68 1.21 -23.86
CA ASP A 159 -7.03 0.62 -22.70
C ASP A 159 -5.97 -0.39 -23.14
N ARG A 160 -6.33 -1.28 -24.06
CA ARG A 160 -5.33 -2.21 -24.57
C ARG A 160 -4.15 -1.47 -25.18
N ALA A 161 -4.42 -0.39 -25.91
CA ALA A 161 -3.34 0.37 -26.54
C ALA A 161 -2.34 0.85 -25.51
N TYR A 162 -2.83 1.47 -24.44
CA TYR A 162 -1.96 1.88 -23.36
C TYR A 162 -1.26 0.67 -22.73
N LEU A 163 -2.04 -0.34 -22.33
CA LEU A 163 -1.49 -1.45 -21.56
C LEU A 163 -0.42 -2.21 -22.35
N GLU A 164 -0.65 -2.44 -23.64
CA GLU A 164 0.31 -3.20 -24.44
C GLU A 164 1.51 -2.34 -24.86
N GLY A 165 1.26 -1.12 -25.33
CA GLY A 165 2.39 -0.28 -25.68
C GLY A 165 3.03 0.53 -24.58
N GLU A 166 2.24 1.43 -24.01
CA GLU A 166 2.77 2.56 -23.24
C GLU A 166 3.09 2.17 -21.81
N CYS A 167 2.24 1.32 -21.22
CA CYS A 167 2.52 0.80 -19.89
C CYS A 167 3.83 0.03 -19.87
N VAL A 168 4.05 -0.80 -20.89
CA VAL A 168 5.30 -1.55 -20.99
C VAL A 168 6.48 -0.61 -21.14
N GLU A 169 6.40 0.34 -22.08
CA GLU A 169 7.53 1.24 -22.35
C GLU A 169 7.93 2.02 -21.12
N TRP A 170 6.96 2.45 -20.31
CA TRP A 170 7.33 3.22 -19.14
C TRP A 170 7.81 2.35 -18.00
N LEU A 171 7.32 1.12 -17.90
CA LEU A 171 7.91 0.19 -16.94
C LEU A 171 9.40 0.03 -17.23
N LEU A 172 9.75 -0.20 -18.51
CA LEU A 172 11.15 -0.35 -18.85
C LEU A 172 11.94 0.91 -18.49
N LYS A 173 11.41 2.10 -18.82
CA LYS A 173 12.15 3.33 -18.58
C LYS A 173 12.38 3.56 -17.10
N HIS A 174 11.36 3.27 -16.29
CA HIS A 174 11.48 3.39 -14.85
C HIS A 174 12.45 2.36 -14.29
N LEU A 175 12.36 1.12 -14.79
CA LEU A 175 13.28 0.08 -14.33
C LEU A 175 14.72 0.48 -14.60
N GLU A 176 15.00 0.96 -15.82
CA GLU A 176 16.38 1.28 -16.21
C GLU A 176 16.86 2.54 -15.49
N ASN A 177 16.07 3.62 -15.56
CA ASN A 177 16.49 4.87 -14.91
C ASN A 177 16.56 4.71 -13.41
N GLY A 178 15.75 3.81 -12.84
CA GLY A 178 15.69 3.48 -11.43
C GLY A 178 16.36 2.17 -11.07
N ARG A 179 17.35 1.75 -11.88
CA ARG A 179 18.06 0.48 -11.66
C ARG A 179 18.48 0.29 -10.20
N GLU A 180 19.13 1.30 -9.63
CA GLU A 180 19.69 1.13 -8.29
C GLU A 180 18.60 0.91 -7.24
N THR A 181 17.47 1.63 -7.36
CA THR A 181 16.40 1.42 -6.39
C THR A 181 15.57 0.18 -6.71
N LEU A 182 15.13 0.04 -7.97
CA LEU A 182 14.12 -0.95 -8.31
C LEU A 182 14.70 -2.33 -8.55
N LEU A 183 15.89 -2.43 -9.12
CA LEU A 183 16.41 -3.74 -9.44
C LEU A 183 17.14 -4.39 -8.27
N ARG A 184 17.12 -3.76 -7.10
CA ARG A 184 17.78 -4.32 -5.93
C ARG A 184 16.93 -5.39 -5.28
N ALA A 185 17.64 -6.28 -4.59
CA ALA A 185 17.03 -7.23 -3.67
C ALA A 185 17.89 -7.15 -2.42
N ASP A 186 17.27 -6.64 -1.35
CA ASP A 186 17.96 -6.46 -0.09
C ASP A 186 17.55 -7.61 0.82
N PRO A 187 18.48 -8.46 1.28
CA PRO A 187 18.14 -9.51 2.23
C PRO A 187 17.55 -8.93 3.47
N PRO A 188 16.71 -9.65 4.24
CA PRO A 188 16.34 -9.15 5.55
C PRO A 188 17.50 -9.28 6.53
N LYS A 189 17.49 -8.43 7.54
CA LYS A 189 18.40 -8.55 8.67
C LYS A 189 17.62 -9.24 9.79
N THR A 190 18.02 -10.45 10.14
CA THR A 190 17.18 -11.34 10.93
C THR A 190 17.81 -11.63 12.29
N HIS A 191 16.96 -11.67 13.31
CA HIS A 191 17.35 -12.07 14.65
C HIS A 191 16.12 -12.58 15.39
N ILE A 192 16.36 -13.28 16.50
CA ILE A 192 15.32 -13.92 17.30
C ILE A 192 15.34 -13.33 18.70
N THR A 193 14.22 -12.78 19.17
CA THR A 193 14.12 -12.38 20.56
C THR A 193 13.28 -13.39 21.35
N HIS A 194 13.30 -13.23 22.68
CA HIS A 194 12.78 -14.25 23.60
C HIS A 194 12.02 -13.58 24.76
N HIS A 195 10.72 -13.82 24.85
CA HIS A 195 9.90 -13.35 25.97
C HIS A 195 9.20 -14.51 26.69
N PRO A 196 9.51 -14.79 27.96
CA PRO A 196 8.69 -15.73 28.72
C PRO A 196 7.39 -15.08 29.17
N ILE A 197 6.34 -15.89 29.23
CA ILE A 197 5.08 -15.48 29.85
C ILE A 197 4.80 -16.26 31.15
N SER A 198 4.70 -17.58 31.07
CA SER A 198 4.60 -18.49 32.21
C SER A 198 5.86 -19.36 32.28
N ASP A 199 5.87 -20.29 33.23
CA ASP A 199 7.02 -21.18 33.38
C ASP A 199 6.98 -22.38 32.45
N ARG A 200 5.80 -22.74 31.93
CA ARG A 200 5.67 -23.83 30.96
C ARG A 200 5.66 -23.34 29.51
N GLU A 201 5.74 -22.03 29.28
CA GLU A 201 5.60 -21.46 27.95
C GLU A 201 6.41 -20.18 27.83
N VAL A 202 6.90 -19.93 26.61
CA VAL A 202 7.78 -18.79 26.30
C VAL A 202 7.51 -18.37 24.86
N THR A 203 7.56 -17.05 24.59
CA THR A 203 7.39 -16.51 23.23
C THR A 203 8.73 -16.35 22.52
N LEU A 204 8.88 -16.99 21.37
CA LEU A 204 10.03 -16.78 20.48
C LEU A 204 9.59 -15.98 19.27
N ARG A 205 10.12 -14.76 19.11
CA ARG A 205 9.75 -13.89 17.99
C ARG A 205 10.88 -13.77 16.97
N CYS A 206 10.60 -14.17 15.73
CA CYS A 206 11.57 -14.18 14.64
C CYS A 206 11.40 -12.91 13.81
N TRP A 207 12.46 -12.09 13.74
CA TRP A 207 12.40 -10.76 13.14
C TRP A 207 13.03 -10.72 11.76
N ALA A 208 12.44 -9.92 10.87
CA ALA A 208 13.01 -9.63 9.56
C ALA A 208 12.90 -8.14 9.30
N LEU A 209 14.03 -7.48 9.06
CA LEU A 209 14.04 -6.03 8.94
C LEU A 209 14.68 -5.60 7.63
N GLY A 210 14.33 -4.40 7.18
CA GLY A 210 14.91 -3.77 6.00
C GLY A 210 15.00 -4.54 4.69
N PHE A 211 14.02 -5.36 4.33
CA PHE A 211 14.12 -6.13 3.10
C PHE A 211 13.29 -5.51 1.98
N TYR A 212 13.74 -5.74 0.76
CA TYR A 212 13.00 -5.38 -0.44
C TYR A 212 13.26 -6.47 -1.46
N PRO A 213 12.24 -6.86 -2.25
CA PRO A 213 10.82 -6.44 -2.24
C PRO A 213 10.01 -6.93 -1.02
N GLU A 214 8.70 -6.64 -1.02
CA GLU A 214 7.84 -6.97 0.12
C GLU A 214 7.64 -8.47 0.29
N GLU A 215 7.75 -9.23 -0.79
CA GLU A 215 7.53 -10.67 -0.73
C GLU A 215 8.50 -11.34 0.23
N ILE A 216 7.97 -12.06 1.22
CA ILE A 216 8.80 -12.79 2.16
C ILE A 216 7.96 -13.90 2.77
N THR A 217 8.59 -15.02 3.11
CA THR A 217 7.96 -16.06 3.90
C THR A 217 8.75 -16.30 5.18
N LEU A 218 8.07 -16.26 6.31
CA LEU A 218 8.64 -16.65 7.60
C LEU A 218 7.91 -17.88 8.11
N THR A 219 8.67 -18.95 8.41
CA THR A 219 8.10 -20.21 8.83
C THR A 219 8.81 -20.69 10.08
N TRP A 220 8.04 -21.09 11.09
CA TRP A 220 8.57 -21.75 12.27
C TRP A 220 8.38 -23.24 12.14
N GLN A 221 9.41 -24.02 12.47
CA GLN A 221 9.31 -25.46 12.48
C GLN A 221 9.68 -26.00 13.87
N HIS A 222 9.06 -27.12 14.23
CA HIS A 222 9.47 -27.89 15.39
C HIS A 222 9.84 -29.28 14.87
N ASP A 223 11.12 -29.64 15.07
CA ASP A 223 11.66 -30.93 14.63
C ASP A 223 11.29 -31.22 13.17
N GLY A 224 11.37 -30.17 12.34
CA GLY A 224 11.06 -30.29 10.93
C GLY A 224 9.59 -30.24 10.57
N GLU A 225 8.70 -30.27 11.57
CA GLU A 225 7.28 -30.16 11.32
C GLU A 225 6.89 -28.68 11.42
N ASP A 226 6.14 -28.22 10.42
CA ASP A 226 5.85 -26.79 10.24
C ASP A 226 4.74 -26.32 11.19
N GLN A 227 5.00 -25.20 11.86
CA GLN A 227 4.16 -24.66 12.92
C GLN A 227 3.23 -23.55 12.46
N THR A 228 3.06 -23.38 11.14
CA THR A 228 2.22 -22.31 10.58
C THR A 228 0.88 -22.15 11.28
N GLN A 229 0.14 -23.24 11.49
CA GLN A 229 -1.16 -23.12 12.15
C GLN A 229 -1.03 -22.62 13.57
N GLU A 230 0.14 -22.77 14.19
CA GLU A 230 0.37 -22.39 15.59
C GLU A 230 0.99 -21.01 15.79
N MET A 231 1.49 -20.36 14.76
CA MET A 231 2.28 -19.15 15.00
C MET A 231 1.44 -17.89 14.79
N GLU A 232 2.06 -16.76 15.08
CA GLU A 232 1.46 -15.43 14.95
C GLU A 232 2.31 -14.64 13.96
N LEU A 233 1.74 -14.34 12.79
CA LEU A 233 2.39 -13.56 11.75
C LEU A 233 1.73 -12.19 11.67
N VAL A 234 2.50 -11.12 11.89
CA VAL A 234 1.98 -9.79 11.59
C VAL A 234 2.07 -9.54 10.09
N GLU A 235 1.18 -8.70 9.58
CA GLU A 235 1.23 -8.33 8.18
C GLU A 235 2.47 -7.49 7.91
N THR A 236 3.14 -7.78 6.79
CA THR A 236 4.35 -7.04 6.45
C THR A 236 4.06 -5.55 6.39
N ARG A 237 4.97 -4.76 6.97
CA ARG A 237 4.80 -3.35 7.24
C ARG A 237 5.96 -2.55 6.64
N PRO A 238 5.72 -1.31 6.22
CA PRO A 238 6.82 -0.49 5.69
C PRO A 238 7.71 0.06 6.80
N ASP A 239 9.01 0.04 6.55
CA ASP A 239 9.95 0.59 7.52
C ASP A 239 10.10 2.11 7.39
N GLY A 240 9.57 2.70 6.31
CA GLY A 240 9.57 4.12 6.10
C GLY A 240 10.74 4.64 5.28
N ASN A 241 11.74 3.79 5.05
CA ASN A 241 12.88 4.07 4.18
C ASN A 241 12.78 3.40 2.82
N GLY A 242 11.65 2.79 2.51
CA GLY A 242 11.50 2.10 1.25
C GLY A 242 11.73 0.62 1.30
N ALA A 243 11.85 0.04 2.50
CA ALA A 243 11.95 -1.39 2.69
C ALA A 243 10.85 -1.81 3.65
N PHE A 244 10.90 -3.06 4.11
CA PHE A 244 9.78 -3.63 4.86
C PHE A 244 10.28 -4.44 6.04
N GLN A 245 9.36 -4.70 6.97
CA GLN A 245 9.61 -5.49 8.17
C GLN A 245 8.51 -6.52 8.38
N LYS A 246 8.90 -7.67 8.93
CA LYS A 246 7.92 -8.67 9.32
C LYS A 246 8.49 -9.48 10.48
N TRP A 247 7.60 -9.99 11.36
CA TRP A 247 8.03 -10.97 12.35
C TRP A 247 7.03 -12.10 12.46
N ALA A 248 7.55 -13.26 12.87
CA ALA A 248 6.75 -14.43 13.22
C ALA A 248 7.09 -14.86 14.64
N ALA A 249 6.08 -15.34 15.37
CA ALA A 249 6.23 -15.68 16.78
C ALA A 249 5.51 -16.98 17.13
N LEU A 250 6.20 -17.82 17.92
CA LEU A 250 5.66 -19.02 18.53
C LEU A 250 5.73 -18.90 20.05
N VAL A 251 4.83 -19.60 20.73
CA VAL A 251 4.90 -19.76 22.17
C VAL A 251 5.31 -21.21 22.42
N VAL A 252 6.49 -21.40 23.01
CA VAL A 252 7.12 -22.71 23.04
C VAL A 252 7.28 -23.19 24.49
N PRO A 253 7.30 -24.49 24.75
CA PRO A 253 7.62 -24.96 26.11
C PRO A 253 8.97 -24.40 26.54
N SER A 254 9.02 -23.92 27.79
CA SER A 254 10.27 -23.46 28.34
C SER A 254 11.30 -24.59 28.36
N GLY A 255 12.56 -24.25 28.08
CA GLY A 255 13.64 -25.21 28.09
C GLY A 255 13.88 -25.94 26.77
N GLU A 256 12.87 -26.02 25.90
CA GLU A 256 12.98 -26.71 24.62
C GLU A 256 13.33 -25.79 23.47
N GLU A 257 13.71 -24.53 23.75
CA GLU A 257 13.92 -23.53 22.70
C GLU A 257 14.73 -24.07 21.53
N GLN A 258 15.74 -24.88 21.81
CA GLN A 258 16.64 -25.29 20.75
C GLN A 258 16.00 -26.24 19.74
N ARG A 259 14.76 -26.71 19.95
CA ARG A 259 14.11 -27.59 18.98
C ARG A 259 13.22 -26.85 17.98
N TYR A 260 13.19 -25.52 18.02
CA TYR A 260 12.42 -24.70 17.09
C TYR A 260 13.34 -23.90 16.19
N THR A 261 13.09 -23.95 14.88
CA THR A 261 13.86 -23.21 13.89
C THR A 261 12.95 -22.31 13.07
N CYS A 262 13.41 -21.10 12.80
CA CYS A 262 12.72 -20.14 11.95
C CYS A 262 13.35 -20.14 10.56
N HIS A 263 12.54 -20.49 9.55
CA HIS A 263 13.00 -20.51 8.17
C HIS A 263 12.59 -19.22 7.46
N VAL A 264 13.55 -18.57 6.81
CA VAL A 264 13.36 -17.27 6.18
C VAL A 264 13.64 -17.39 4.70
N GLN A 265 12.65 -17.09 3.87
CA GLN A 265 12.85 -17.05 2.41
C GLN A 265 12.60 -15.64 1.90
N HIS A 266 13.55 -15.13 1.12
CA HIS A 266 13.42 -13.83 0.47
C HIS A 266 14.28 -13.84 -0.79
N GLU A 267 13.89 -13.00 -1.76
CA GLU A 267 14.34 -13.22 -3.14
C GLU A 267 15.83 -12.95 -3.32
N GLY A 268 16.43 -12.11 -2.48
CA GLY A 268 17.85 -11.86 -2.57
C GLY A 268 18.67 -12.49 -1.47
N LEU A 269 18.14 -13.46 -0.76
CA LEU A 269 18.97 -14.38 0.01
C LEU A 269 19.47 -15.46 -0.94
N PRO A 270 20.74 -15.85 -0.78
CA PRO A 270 21.26 -16.95 -1.59
C PRO A 270 20.51 -18.24 -1.36
N GLN A 271 20.31 -18.59 -0.11
CA GLN A 271 19.59 -19.76 0.32
C GLN A 271 18.65 -19.37 1.45
N PRO A 272 17.53 -20.07 1.59
CA PRO A 272 16.66 -19.84 2.76
C PRO A 272 17.43 -20.05 4.05
N LEU A 273 17.33 -19.07 4.96
CA LEU A 273 18.03 -19.12 6.24
C LEU A 273 17.26 -19.90 7.30
N THR A 274 18.01 -20.47 8.24
CA THR A 274 17.47 -21.21 9.37
C THR A 274 18.09 -20.67 10.64
N LEU A 275 17.26 -20.19 11.57
CA LEU A 275 17.74 -19.49 12.74
C LEU A 275 17.26 -20.14 14.03
N ARG A 276 18.10 -20.08 15.06
CA ARG A 276 17.73 -20.52 16.39
C ARG A 276 18.21 -19.52 17.43
N TRP A 277 17.66 -19.66 18.63
CA TRP A 277 17.93 -18.71 19.68
C TRP A 277 19.26 -19.02 20.38
N GLU B 1 -20.83 -0.39 4.71
CA GLU B 1 -20.40 -1.02 5.95
C GLU B 1 -18.88 -0.96 6.10
N PRO B 2 -18.42 -0.17 7.06
CA PRO B 2 -16.99 0.15 7.13
C PRO B 2 -16.10 -1.03 7.49
N ARG B 3 -14.84 -0.91 7.11
CA ARG B 3 -13.80 -1.89 7.40
C ARG B 3 -12.84 -1.31 8.42
N THR B 4 -12.58 -2.06 9.46
CA THR B 4 -11.91 -1.52 10.65
C THR B 4 -10.40 -1.51 10.42
N PRO B 5 -9.73 -0.40 10.72
CA PRO B 5 -8.28 -0.35 10.52
C PRO B 5 -7.53 -1.22 11.51
N LYS B 6 -6.61 -2.02 11.00
CA LYS B 6 -5.57 -2.65 11.79
C LYS B 6 -4.42 -1.68 11.97
N ILE B 7 -3.78 -1.70 13.15
CA ILE B 7 -2.84 -0.65 13.54
C ILE B 7 -1.58 -1.26 14.11
N GLN B 8 -0.44 -1.02 13.46
CA GLN B 8 0.87 -1.38 13.99
C GLN B 8 1.66 -0.12 14.30
N VAL B 9 2.30 -0.12 15.47
CA VAL B 9 3.16 0.96 15.93
C VAL B 9 4.53 0.34 16.20
N TYR B 10 5.58 0.98 15.69
CA TYR B 10 6.92 0.38 15.75
C TYR B 10 7.95 1.45 15.46
N SER B 11 9.21 1.05 15.50
CA SER B 11 10.35 1.90 15.21
C SER B 11 11.07 1.33 13.99
N ARG B 12 11.56 2.21 13.12
CA ARG B 12 12.25 1.73 11.92
C ARG B 12 13.45 0.89 12.30
N HIS B 13 14.23 1.34 13.26
CA HIS B 13 15.41 0.57 13.59
C HIS B 13 15.29 0.04 15.01
N PRO B 14 15.87 -1.13 15.29
CA PRO B 14 15.81 -1.68 16.65
C PRO B 14 16.23 -0.64 17.66
N ALA B 15 15.41 -0.46 18.69
CA ALA B 15 15.48 0.76 19.50
C ALA B 15 16.54 0.63 20.60
N GLU B 16 17.47 1.57 20.62
CA GLU B 16 18.32 1.85 21.76
C GLU B 16 18.20 3.33 22.07
N ASN B 17 18.42 3.70 23.32
CA ASN B 17 18.07 5.02 23.81
C ASN B 17 19.29 5.94 23.67
N GLY B 18 19.02 7.23 23.41
CA GLY B 18 20.00 8.21 23.00
C GLY B 18 20.07 8.41 21.51
N LYS B 19 19.60 7.42 20.74
CA LYS B 19 19.45 7.34 19.29
C LYS B 19 18.15 8.01 18.88
N PRO B 20 18.17 9.14 18.16
CA PRO B 20 16.93 9.61 17.53
C PRO B 20 16.53 8.68 16.40
N ASN B 21 15.26 8.29 16.41
CA ASN B 21 14.81 7.23 15.53
C ASN B 21 13.58 7.72 14.79
N TYR B 22 12.89 6.81 14.11
CA TYR B 22 11.66 7.09 13.42
C TYR B 22 10.56 6.20 14.01
N LEU B 23 9.50 6.83 14.51
CA LEU B 23 8.34 6.11 15.00
C LEU B 23 7.36 5.98 13.83
N ASN B 24 6.90 4.76 13.59
CA ASN B 24 5.92 4.48 12.55
C ASN B 24 4.59 4.07 13.17
N CYS B 25 3.51 4.69 12.71
CA CYS B 25 2.15 4.20 12.90
C CYS B 25 1.61 3.80 11.54
N TYR B 26 1.46 2.49 11.31
CA TYR B 26 1.01 1.94 10.03
C TYR B 26 -0.42 1.42 10.22
N VAL B 27 -1.38 2.03 9.51
CA VAL B 27 -2.79 1.67 9.65
C VAL B 27 -3.35 1.31 8.29
N TYR B 28 -4.00 0.14 8.22
CA TYR B 28 -4.23 -0.54 6.96
C TYR B 28 -5.47 -1.40 7.09
N GLY B 29 -6.06 -1.77 5.94
CA GLY B 29 -7.25 -2.59 5.94
C GLY B 29 -8.56 -1.86 6.20
N PHE B 30 -8.64 -0.57 5.91
CA PHE B 30 -9.79 0.19 6.33
C PHE B 30 -10.52 0.78 5.12
N HIS B 31 -11.74 1.22 5.38
CA HIS B 31 -12.63 1.74 4.36
C HIS B 31 -13.86 2.26 5.07
N PRO B 32 -14.31 3.46 4.73
CA PRO B 32 -13.95 4.41 3.66
C PRO B 32 -12.63 5.17 3.92
N PRO B 33 -12.15 5.98 2.96
CA PRO B 33 -10.77 6.50 3.05
C PRO B 33 -10.56 7.59 4.10
N GLN B 34 -11.58 8.39 4.41
CA GLN B 34 -11.44 9.43 5.42
C GLN B 34 -11.03 8.84 6.76
N ILE B 35 -9.94 9.34 7.31
CA ILE B 35 -9.37 8.80 8.54
C ILE B 35 -8.51 9.89 9.17
N GLU B 36 -8.25 9.76 10.47
CA GLU B 36 -7.35 10.65 11.18
C GLU B 36 -6.30 9.80 11.87
N ILE B 37 -5.02 10.18 11.74
CA ILE B 37 -3.92 9.44 12.34
C ILE B 37 -2.89 10.45 12.89
N ASP B 38 -2.59 10.34 14.17
CA ASP B 38 -1.55 11.15 14.79
C ASP B 38 -0.67 10.26 15.65
N LEU B 39 0.57 10.71 15.87
CA LEU B 39 1.44 10.15 16.87
C LEU B 39 1.48 11.11 18.06
N LEU B 40 1.60 10.57 19.26
CA LEU B 40 1.51 11.37 20.48
C LEU B 40 2.73 11.13 21.36
N LYS B 41 3.27 12.22 21.93
CA LYS B 41 4.40 12.17 22.85
C LYS B 41 3.84 12.29 24.26
N ASN B 42 3.96 11.21 25.04
CA ASN B 42 3.50 11.21 26.44
C ASN B 42 2.07 11.69 26.56
N GLY B 43 1.23 11.33 25.59
CA GLY B 43 -0.15 11.75 25.54
C GLY B 43 -0.39 13.01 24.74
N GLN B 44 0.63 13.84 24.54
CA GLN B 44 0.49 15.11 23.85
C GLN B 44 0.92 14.95 22.39
N LYS B 45 0.20 15.62 21.50
CA LYS B 45 0.30 15.36 20.06
C LYS B 45 1.67 15.76 19.51
N MET B 46 2.07 15.08 18.43
CA MET B 46 3.33 15.41 17.76
C MET B 46 3.03 16.01 16.39
N LYS B 47 4.09 16.24 15.63
CA LYS B 47 3.97 16.64 14.24
C LYS B 47 4.75 15.65 13.38
N THR B 48 4.08 15.11 12.37
CA THR B 48 4.48 13.91 11.64
C THR B 48 4.38 14.18 10.15
N GLU B 49 4.73 13.18 9.35
CA GLU B 49 4.34 13.22 7.95
C GLU B 49 3.62 11.92 7.60
N GLN B 50 2.70 12.05 6.63
CA GLN B 50 1.76 11.01 6.24
C GLN B 50 1.97 10.62 4.77
N SER B 51 1.97 9.32 4.51
CA SER B 51 2.16 8.78 3.18
C SER B 51 1.00 9.19 2.26
N ASP B 52 1.22 9.03 0.95
CA ASP B 52 0.15 9.21 -0.01
C ASP B 52 -0.79 8.01 0.02
N LEU B 53 -2.10 8.29 0.08
CA LEU B 53 -3.12 7.24 0.17
C LEU B 53 -3.03 6.25 -0.98
N SER B 54 -2.98 4.96 -0.65
CA SER B 54 -2.97 3.87 -1.62
C SER B 54 -3.89 2.76 -1.09
N PHE B 55 -4.03 1.67 -1.83
CA PHE B 55 -4.89 0.58 -1.35
C PHE B 55 -4.41 -0.76 -1.88
N SER B 56 -4.87 -1.83 -1.24
CA SER B 56 -4.46 -3.19 -1.58
C SER B 56 -5.45 -3.85 -2.53
N LYS B 57 -5.20 -5.12 -2.80
CA LYS B 57 -5.98 -5.87 -3.77
C LYS B 57 -7.45 -5.98 -3.38
N ASP B 58 -7.76 -5.97 -2.08
CA ASP B 58 -9.14 -6.08 -1.66
C ASP B 58 -9.84 -4.72 -1.58
N TRP B 59 -9.18 -3.64 -1.99
CA TRP B 59 -9.66 -2.27 -2.08
C TRP B 59 -9.50 -1.52 -0.76
N SER B 60 -8.98 -2.15 0.30
CA SER B 60 -8.78 -1.47 1.57
C SER B 60 -7.56 -0.55 1.53
N PHE B 61 -7.67 0.62 2.14
CA PHE B 61 -6.58 1.60 2.17
C PHE B 61 -5.56 1.30 3.25
N TYR B 62 -4.36 1.84 3.03
CA TYR B 62 -3.31 1.79 4.03
C TYR B 62 -2.57 3.11 4.03
N LEU B 63 -2.19 3.57 5.22
CA LEU B 63 -1.40 4.77 5.39
C LEU B 63 -0.26 4.48 6.34
N LEU B 64 0.83 5.22 6.18
CA LEU B 64 1.96 5.25 7.11
C LEU B 64 2.13 6.68 7.59
N VAL B 65 2.20 6.85 8.92
CA VAL B 65 2.41 8.15 9.53
C VAL B 65 3.67 8.04 10.39
N HIS B 66 4.58 9.00 10.25
CA HIS B 66 5.92 8.83 10.81
C HIS B 66 6.50 10.20 11.16
N THR B 67 7.45 10.17 12.09
CA THR B 67 8.09 11.38 12.60
C THR B 67 9.42 10.98 13.19
N ASP B 68 10.30 11.97 13.31
CA ASP B 68 11.53 11.76 14.06
C ASP B 68 11.18 11.67 15.54
N PHE B 69 11.80 10.73 16.25
CA PHE B 69 11.55 10.63 17.67
C PHE B 69 12.81 10.11 18.34
N THR B 70 13.03 10.55 19.58
CA THR B 70 14.16 10.08 20.38
C THR B 70 13.61 9.28 21.54
N PRO B 71 13.90 7.98 21.63
CA PRO B 71 13.44 7.19 22.77
C PRO B 71 14.02 7.69 24.10
N SER B 72 13.35 7.31 25.18
CA SER B 72 13.87 7.43 26.53
C SER B 72 13.91 6.04 27.15
N THR B 73 14.65 5.87 28.24
CA THR B 73 14.66 4.57 28.89
C THR B 73 13.34 4.30 29.62
N VAL B 74 12.62 5.35 30.03
CA VAL B 74 11.16 5.26 30.19
C VAL B 74 10.56 6.57 29.72
N ASP B 75 9.56 6.46 28.83
CA ASP B 75 8.74 7.48 28.16
C ASP B 75 7.74 6.73 27.29
N GLU B 76 6.64 7.41 26.95
CA GLU B 76 5.45 6.74 26.43
C GLU B 76 5.04 7.35 25.10
N TYR B 77 5.00 6.53 24.05
CA TYR B 77 4.62 6.97 22.71
C TYR B 77 3.42 6.16 22.23
N SER B 78 2.44 6.86 21.66
CA SER B 78 1.24 6.18 21.19
C SER B 78 0.74 6.82 19.90
N CYS B 79 -0.12 6.09 19.19
CA CYS B 79 -0.74 6.54 17.96
C CYS B 79 -2.25 6.50 18.08
N ARG B 80 -2.92 7.58 17.71
CA ARG B 80 -4.36 7.72 17.82
C ARG B 80 -4.99 7.70 16.43
N VAL B 81 -5.90 6.74 16.20
CA VAL B 81 -6.57 6.56 14.92
C VAL B 81 -8.06 6.78 15.15
N ASN B 82 -8.67 7.63 14.33
CA ASN B 82 -10.12 7.75 14.32
C ASN B 82 -10.66 7.41 12.94
N HIS B 83 -11.75 6.64 12.91
CA HIS B 83 -12.34 6.17 11.67
C HIS B 83 -13.81 5.85 11.93
N SER B 84 -14.62 5.91 10.87
CA SER B 84 -16.04 5.75 11.05
C SER B 84 -16.40 4.34 11.51
N SER B 85 -15.53 3.36 11.33
CA SER B 85 -15.77 2.01 11.84
C SER B 85 -15.57 1.91 13.35
N LEU B 86 -15.12 2.97 14.01
CA LEU B 86 -14.81 2.96 15.43
C LEU B 86 -15.74 3.89 16.16
N ALA B 87 -16.32 3.43 17.28
CA ALA B 87 -17.20 4.28 18.07
C ALA B 87 -16.47 5.50 18.62
N ALA B 88 -15.16 5.41 18.80
CA ALA B 88 -14.37 6.56 19.23
C ALA B 88 -12.92 6.29 18.84
N PRO B 89 -12.01 7.26 19.03
CA PRO B 89 -10.62 7.03 18.65
C PRO B 89 -9.99 5.91 19.44
N HIS B 90 -9.13 5.14 18.76
CA HIS B 90 -8.28 4.15 19.42
C HIS B 90 -6.85 4.68 19.54
N MET B 91 -6.21 4.35 20.66
CA MET B 91 -4.83 4.72 20.89
C MET B 91 -4.03 3.48 21.21
N VAL B 92 -2.92 3.29 20.50
CA VAL B 92 -2.08 2.11 20.62
C VAL B 92 -0.70 2.56 21.03
N LYS B 93 -0.15 1.95 22.07
CA LYS B 93 1.14 2.40 22.58
C LYS B 93 2.28 1.66 21.88
N TRP B 94 3.37 2.40 21.65
CA TRP B 94 4.60 1.79 21.17
C TRP B 94 5.31 1.14 22.34
N ASP B 95 5.52 -0.17 22.28
CA ASP B 95 6.26 -0.84 23.32
C ASP B 95 7.57 -1.36 22.75
N ARG B 96 8.37 -1.95 23.64
CA ARG B 96 9.75 -2.31 23.33
C ARG B 96 9.86 -3.27 22.16
N ASN B 97 9.50 -4.53 22.38
CA ASN B 97 9.73 -5.60 21.42
C ASN B 97 8.50 -5.94 20.58
N ASN B 98 7.43 -5.16 20.71
CA ASN B 98 6.12 -5.42 20.08
C ASN B 98 5.41 -6.56 20.81
N ASP C 1 3.67 7.17 -17.88
CA ASP C 1 2.52 8.04 -17.99
C ASP C 1 1.28 7.40 -17.39
N PHE C 2 0.37 8.27 -16.91
CA PHE C 2 -0.97 7.84 -16.57
C PHE C 2 -1.68 7.32 -17.81
N ALA C 3 -2.56 6.34 -17.63
CA ALA C 3 -3.48 5.99 -18.69
C ALA C 3 -4.55 7.09 -18.79
N ASN C 4 -5.29 7.08 -19.89
CA ASN C 4 -6.51 7.87 -19.95
C ASN C 4 -7.56 7.33 -18.97
N THR C 5 -8.44 8.22 -18.50
CA THR C 5 -9.48 7.89 -17.56
C THR C 5 -10.83 7.97 -18.24
N PHE C 6 -11.67 6.96 -18.04
CA PHE C 6 -12.94 6.84 -18.73
C PHE C 6 -14.09 7.06 -17.77
N LEU C 7 -15.16 7.69 -18.26
CA LEU C 7 -16.20 8.21 -17.40
C LEU C 7 -17.21 7.12 -17.07
N PRO C 8 -17.33 6.71 -15.80
CA PRO C 8 -18.38 5.78 -15.37
C PRO C 8 -19.80 6.31 -15.65
#